data_3MP2
#
_entry.id   3MP2
#
_cell.length_a   62.510
_cell.length_b   62.510
_cell.length_c   199.420
_cell.angle_alpha   90.000
_cell.angle_beta   90.000
_cell.angle_gamma   90.000
#
_symmetry.space_group_name_H-M   'P 41 21 2'
#
loop_
_entity.id
_entity.type
_entity.pdbx_description
1 polymer 'Non-structural protein 3'
2 non-polymer 'ZINC ION'
3 water water
#
_entity_poly.entity_id   1
_entity_poly.type   'polypeptide(L)'
_entity_poly.pdbx_seq_one_letter_code
;SLPPFKTTNLNGKIILKQGDNNCWINACCYQLQAFDFFNNEAWEKFKKGDVMDFVNLCYAATTLARGHSGDAEYLLELML
NDYSTAKIVLAAKCGCGEKEIVLERAVFKLTPLKESFNYGVCGDCMQVNTCRFLSVEGSGVFVHDILSKQTPEAMFVVKP
VMHAVYTGTTQNGHYMVDDIEHGYCVDGMGIKPLKKRCYTSTLFINANVMT
;
_entity_poly.pdbx_strand_id   A
#
# COMPACT_ATOMS: atom_id res chain seq x y z
N SER A 1 -19.62 -9.78 -21.74
CA SER A 1 -19.03 -8.62 -20.96
C SER A 1 -20.08 -7.99 -19.99
N LEU A 2 -19.71 -7.70 -18.75
CA LEU A 2 -20.65 -6.97 -17.90
C LEU A 2 -20.55 -5.46 -18.20
N PRO A 3 -21.43 -4.65 -17.61
CA PRO A 3 -21.23 -3.22 -17.87
C PRO A 3 -20.09 -2.65 -17.00
N PRO A 4 -19.50 -1.55 -17.47
CA PRO A 4 -18.38 -0.93 -16.73
C PRO A 4 -18.71 -0.66 -15.24
N PHE A 5 -17.68 -0.66 -14.39
CA PHE A 5 -17.88 -0.18 -13.03
C PHE A 5 -18.20 1.32 -13.12
N LYS A 6 -19.21 1.76 -12.37
CA LYS A 6 -19.51 3.19 -12.24
C LYS A 6 -18.46 3.92 -11.41
N THR A 7 -18.24 5.21 -11.64
CA THR A 7 -17.29 5.92 -10.82
C THR A 7 -17.81 7.27 -10.22
N THR A 8 -17.04 7.83 -9.28
CA THR A 8 -17.19 9.19 -8.85
C THR A 8 -15.83 9.84 -8.84
N ASN A 9 -15.75 11.08 -9.19
CA ASN A 9 -14.55 11.84 -9.08
C ASN A 9 -14.57 12.76 -7.82
N LEU A 10 -13.94 12.35 -6.73
CA LEU A 10 -13.97 13.05 -5.45
C LEU A 10 -12.64 13.75 -5.09
N ASN A 11 -12.64 15.08 -5.08
CA ASN A 11 -11.42 15.80 -4.69
C ASN A 11 -10.21 15.16 -5.35
N GLY A 12 -10.31 14.90 -6.65
CA GLY A 12 -9.13 14.59 -7.46
C GLY A 12 -8.82 13.10 -7.63
N LYS A 13 -9.71 12.24 -7.11
CA LYS A 13 -9.49 10.83 -7.08
C LYS A 13 -10.69 10.18 -7.68
N ILE A 14 -10.47 9.23 -8.59
CA ILE A 14 -11.53 8.46 -9.19
C ILE A 14 -11.78 7.31 -8.22
N ILE A 15 -13.03 6.99 -7.89
CA ILE A 15 -13.30 5.91 -6.95
C ILE A 15 -14.46 5.07 -7.52
N LEU A 16 -14.50 3.79 -7.19
CA LEU A 16 -15.35 2.87 -7.90
C LEU A 16 -16.48 2.43 -7.04
N LYS A 17 -17.66 2.43 -7.62
CA LYS A 17 -18.82 1.90 -6.96
C LYS A 17 -18.58 0.47 -6.51
N GLN A 18 -18.92 0.18 -5.26
CA GLN A 18 -18.88 -1.15 -4.70
C GLN A 18 -19.78 -2.08 -5.51
N GLY A 19 -19.17 -3.13 -6.06
CA GLY A 19 -19.91 -4.12 -6.82
C GLY A 19 -18.97 -5.28 -7.12
N ASP A 20 -19.53 -6.49 -7.10
CA ASP A 20 -18.81 -7.68 -7.55
C ASP A 20 -17.51 -8.00 -6.79
N ASN A 21 -17.45 -7.62 -5.51
CA ASN A 21 -16.27 -7.78 -4.70
C ASN A 21 -15.09 -7.03 -5.25
N ASN A 22 -15.29 -5.84 -5.82
CA ASN A 22 -14.20 -5.04 -6.34
C ASN A 22 -13.46 -4.13 -5.40
N CYS A 23 -13.62 -4.31 -4.08
CA CYS A 23 -13.06 -3.25 -3.19
C CYS A 23 -11.55 -3.31 -3.16
N TRP A 24 -11.00 -4.52 -3.30
CA TRP A 24 -9.51 -4.65 -3.37
C TRP A 24 -8.93 -3.83 -4.55
N ILE A 25 -9.65 -3.83 -5.67
CA ILE A 25 -9.20 -3.01 -6.78
C ILE A 25 -9.22 -1.55 -6.46
N ASN A 26 -10.37 -1.09 -5.93
CA ASN A 26 -10.54 0.31 -5.53
C ASN A 26 -9.47 0.81 -4.58
N ALA A 27 -9.20 -0.01 -3.55
CA ALA A 27 -8.18 0.34 -2.55
C ALA A 27 -6.80 0.49 -3.15
N CYS A 28 -6.47 -0.40 -4.09
CA CYS A 28 -5.16 -0.37 -4.70
C CYS A 28 -5.10 0.82 -5.65
N CYS A 29 -6.15 0.95 -6.46
CA CYS A 29 -6.15 2.05 -7.43
C CYS A 29 -6.14 3.44 -6.76
N TYR A 30 -6.77 3.52 -5.56
CA TYR A 30 -6.77 4.81 -4.86
C TYR A 30 -5.39 5.16 -4.41
N GLN A 31 -4.68 4.18 -3.86
CA GLN A 31 -3.23 4.44 -3.61
C GLN A 31 -2.38 4.76 -4.86
N LEU A 32 -2.54 4.01 -5.98
CA LEU A 32 -1.71 4.32 -7.16
C LEU A 32 -1.92 5.78 -7.60
N GLN A 33 -3.12 6.29 -7.34
CA GLN A 33 -3.43 7.68 -7.72
C GLN A 33 -2.67 8.71 -6.95
N ALA A 34 -2.04 8.28 -5.86
CA ALA A 34 -1.15 9.18 -5.11
C ALA A 34 0.23 9.31 -5.74
N PHE A 35 0.57 8.48 -6.73
CA PHE A 35 1.95 8.52 -7.25
C PHE A 35 1.94 9.12 -8.64
N ASP A 36 2.54 10.30 -8.83
CA ASP A 36 2.51 10.93 -10.14
CA ASP A 36 2.55 10.96 -10.14
C ASP A 36 3.49 10.26 -11.11
N PHE A 37 4.43 9.46 -10.58
CA PHE A 37 5.38 8.70 -11.44
C PHE A 37 4.73 7.44 -12.09
N PHE A 38 3.55 7.03 -11.64
CA PHE A 38 3.06 5.75 -12.14
C PHE A 38 2.25 5.97 -13.42
N ASN A 39 2.53 5.23 -14.49
CA ASN A 39 1.83 5.49 -15.74
C ASN A 39 1.90 4.41 -16.78
N ASN A 40 0.90 4.37 -17.65
CA ASN A 40 0.83 3.48 -18.79
C ASN A 40 -0.49 3.73 -19.49
N GLU A 41 -0.69 3.09 -20.64
CA GLU A 41 -1.77 3.46 -21.53
C GLU A 41 -3.10 3.22 -20.83
N ALA A 42 -3.23 2.14 -20.06
CA ALA A 42 -4.50 1.82 -19.47
C ALA A 42 -4.76 2.69 -18.19
N TRP A 43 -3.69 3.12 -17.56
CA TRP A 43 -3.75 3.94 -16.38
C TRP A 43 -4.13 5.38 -16.77
N GLU A 44 -3.61 5.85 -17.90
CA GLU A 44 -3.93 7.20 -18.35
C GLU A 44 -5.47 7.35 -18.52
N LYS A 45 -6.13 6.27 -18.95
CA LYS A 45 -7.59 6.30 -19.13
C LYS A 45 -8.33 6.20 -17.81
N PHE A 46 -7.74 5.47 -16.85
CA PHE A 46 -8.35 5.21 -15.58
C PHE A 46 -8.45 6.56 -14.86
N LYS A 47 -7.34 7.29 -14.86
CA LYS A 47 -7.32 8.55 -14.19
C LYS A 47 -8.45 9.48 -14.62
N LYS A 48 -9.14 9.15 -15.70
CA LYS A 48 -10.13 10.06 -16.26
C LYS A 48 -11.55 9.54 -16.04
N GLY A 49 -11.68 8.31 -15.55
CA GLY A 49 -12.98 7.73 -15.28
C GLY A 49 -13.25 6.55 -16.17
N ASP A 50 -12.40 6.38 -17.19
CA ASP A 50 -12.55 5.27 -18.18
C ASP A 50 -11.75 4.05 -17.71
N VAL A 51 -12.31 3.34 -16.75
CA VAL A 51 -11.51 2.51 -15.85
C VAL A 51 -11.35 1.06 -16.25
N MET A 52 -12.25 0.50 -17.07
CA MET A 52 -12.21 -0.96 -17.35
C MET A 52 -10.89 -1.55 -17.96
N ASP A 53 -10.16 -0.79 -18.76
CA ASP A 53 -8.89 -1.39 -19.23
C ASP A 53 -7.98 -1.77 -18.07
N PHE A 54 -7.73 -0.81 -17.19
CA PHE A 54 -6.81 -1.01 -16.10
C PHE A 54 -7.43 -2.01 -15.14
N VAL A 55 -8.70 -1.84 -14.88
CA VAL A 55 -9.36 -2.79 -14.00
C VAL A 55 -9.21 -4.20 -14.54
N ASN A 56 -9.43 -4.36 -15.85
CA ASN A 56 -9.23 -5.69 -16.46
C ASN A 56 -7.78 -6.18 -16.35
N LEU A 57 -6.85 -5.25 -16.48
CA LEU A 57 -5.42 -5.55 -16.32
C LEU A 57 -5.15 -6.15 -14.95
N CYS A 58 -5.84 -5.64 -13.89
CA CYS A 58 -5.71 -6.13 -12.49
C CYS A 58 -6.19 -7.53 -12.30
N TYR A 59 -7.29 -7.87 -12.95
CA TYR A 59 -7.72 -9.26 -12.97
C TYR A 59 -6.73 -10.21 -13.69
N ALA A 60 -6.22 -9.77 -14.84
CA ALA A 60 -5.24 -10.54 -15.62
C ALA A 60 -3.98 -10.82 -14.75
N ALA A 61 -3.40 -9.78 -14.17
CA ALA A 61 -2.18 -9.91 -13.41
C ALA A 61 -2.28 -10.93 -12.25
N THR A 62 -3.45 -10.99 -11.64
CA THR A 62 -3.64 -11.77 -10.42
C THR A 62 -4.28 -13.07 -10.81
N THR A 63 -4.71 -13.19 -12.07
CA THR A 63 -5.31 -14.48 -12.45
C THR A 63 -6.70 -14.65 -11.83
N LEU A 64 -7.26 -13.56 -11.29
CA LEU A 64 -8.63 -13.57 -10.70
C LEU A 64 -9.67 -13.10 -11.68
N ALA A 65 -10.88 -13.67 -11.62
CA ALA A 65 -12.05 -13.18 -12.46
C ALA A 65 -12.88 -12.08 -11.79
N ARG A 66 -13.45 -11.16 -12.56
CA ARG A 66 -14.48 -10.24 -12.05
C ARG A 66 -15.45 -10.95 -11.18
N GLY A 67 -15.59 -10.52 -9.91
CA GLY A 67 -16.56 -11.10 -9.02
C GLY A 67 -15.89 -11.79 -7.86
N HIS A 68 -14.58 -11.96 -7.94
CA HIS A 68 -13.86 -12.68 -6.87
CA HIS A 68 -13.92 -12.64 -6.85
C HIS A 68 -13.12 -11.64 -6.03
N SER A 69 -12.97 -11.95 -4.75
CA SER A 69 -12.18 -11.13 -3.85
C SER A 69 -10.72 -11.31 -4.16
N GLY A 70 -9.91 -10.36 -3.75
CA GLY A 70 -8.48 -10.40 -3.95
C GLY A 70 -7.80 -9.66 -2.85
N ASP A 71 -6.55 -9.33 -3.06
CA ASP A 71 -5.67 -8.89 -2.03
C ASP A 71 -5.04 -7.64 -2.56
N ALA A 72 -5.34 -6.51 -1.94
CA ALA A 72 -4.94 -5.24 -2.49
C ALA A 72 -3.43 -5.03 -2.36
N GLU A 73 -2.83 -5.70 -1.38
CA GLU A 73 -1.38 -5.53 -1.14
C GLU A 73 -0.56 -6.32 -2.22
N TYR A 74 -0.98 -7.55 -2.50
CA TYR A 74 -0.45 -8.35 -3.59
C TYR A 74 -0.55 -7.61 -4.93
N LEU A 75 -1.67 -6.91 -5.13
CA LEU A 75 -1.87 -6.24 -6.42
C LEU A 75 -0.93 -5.04 -6.57
N LEU A 76 -0.72 -4.30 -5.47
CA LEU A 76 0.29 -3.21 -5.48
C LEU A 76 1.69 -3.73 -5.78
N GLU A 77 2.07 -4.89 -5.22
CA GLU A 77 3.39 -5.47 -5.51
C GLU A 77 3.52 -5.81 -6.99
N LEU A 78 2.56 -6.53 -7.56
CA LEU A 78 2.52 -6.72 -9.00
C LEU A 78 2.69 -5.43 -9.80
N MET A 79 1.91 -4.38 -9.56
CA MET A 79 1.92 -3.21 -10.50
C MET A 79 3.13 -2.37 -10.30
N LEU A 80 3.75 -2.53 -9.14
CA LEU A 80 4.88 -1.63 -8.82
C LEU A 80 6.25 -2.35 -8.87
N ASN A 81 6.21 -3.58 -9.34
CA ASN A 81 7.40 -4.43 -9.32
C ASN A 81 8.57 -3.82 -10.10
N ASP A 82 8.28 -3.08 -11.19
CA ASP A 82 9.33 -2.43 -11.95
C ASP A 82 9.57 -0.98 -11.61
N TYR A 83 9.11 -0.50 -10.46
CA TYR A 83 9.40 0.90 -10.09
C TYR A 83 10.30 0.91 -8.93
N SER A 84 11.14 1.93 -8.86
CA SER A 84 12.04 2.03 -7.74
C SER A 84 12.14 3.49 -7.38
N THR A 85 11.41 3.92 -6.35
CA THR A 85 11.18 5.37 -6.20
C THR A 85 11.46 5.84 -4.81
N ALA A 86 11.83 4.86 -3.98
CA ALA A 86 12.30 5.13 -2.61
C ALA A 86 13.55 4.33 -2.21
N LYS A 87 14.24 4.85 -1.18
CA LYS A 87 15.40 4.23 -0.51
C LYS A 87 15.25 4.15 1.02
N ILE A 88 15.28 2.92 1.53
CA ILE A 88 15.28 2.72 2.95
C ILE A 88 16.61 2.09 3.39
N VAL A 89 17.24 2.66 4.42
CA VAL A 89 18.45 2.08 5.03
C VAL A 89 18.11 1.55 6.42
N LEU A 90 18.42 0.29 6.66
CA LEU A 90 18.30 -0.34 7.98
C LEU A 90 19.71 -0.62 8.58
N ALA A 91 19.79 -0.59 9.92
CA ALA A 91 20.92 -1.11 10.71
C ALA A 91 20.58 -2.52 11.15
N ALA A 92 21.50 -3.45 10.89
CA ALA A 92 21.29 -4.84 11.18
C ALA A 92 22.39 -5.45 12.08
N LYS A 93 21.96 -5.86 13.26
CA LYS A 93 22.84 -6.40 14.27
C LYS A 93 22.73 -7.90 14.26
N CYS A 94 23.86 -8.61 14.20
CA CYS A 94 23.89 -10.05 14.47
C CYS A 94 25.13 -10.43 15.31
N GLY A 95 25.58 -11.68 15.26
CA GLY A 95 26.73 -12.05 16.07
C GLY A 95 28.08 -11.61 15.45
N CYS A 96 28.04 -11.08 14.22
CA CYS A 96 29.27 -10.66 13.57
C CYS A 96 29.57 -9.19 13.88
N GLY A 97 28.51 -8.44 14.23
CA GLY A 97 28.63 -6.98 14.34
C GLY A 97 27.37 -6.30 13.85
N GLU A 98 27.53 -5.09 13.31
CA GLU A 98 26.43 -4.29 12.83
C GLU A 98 26.70 -3.83 11.41
N LYS A 99 25.71 -3.92 10.53
CA LYS A 99 25.93 -3.50 9.17
C LYS A 99 24.67 -2.84 8.62
N GLU A 100 24.76 -2.23 7.46
CA GLU A 100 23.61 -1.54 6.84
C GLU A 100 23.03 -2.34 5.69
N ILE A 101 21.70 -2.32 5.56
CA ILE A 101 21.03 -2.96 4.42
C ILE A 101 20.34 -1.84 3.63
N VAL A 102 20.58 -1.79 2.34
CA VAL A 102 20.02 -0.75 1.52
C VAL A 102 18.92 -1.35 0.65
N LEU A 103 17.69 -0.81 0.76
CA LEU A 103 16.56 -1.21 -0.09
C LEU A 103 16.14 -0.04 -0.98
N GLU A 104 16.16 -0.28 -2.30
CA GLU A 104 15.62 0.63 -3.32
C GLU A 104 14.45 0.00 -4.08
N ARG A 105 13.27 0.60 -3.95
CA ARG A 105 11.99 0.01 -4.33
C ARG A 105 10.86 1.08 -4.25
N ALA A 106 9.66 0.69 -4.70
CA ALA A 106 8.46 1.49 -4.54
C ALA A 106 7.57 0.81 -3.53
N VAL A 107 7.47 -0.53 -3.52
CA VAL A 107 6.76 -1.26 -2.44
C VAL A 107 7.72 -1.95 -1.46
N PHE A 108 7.53 -1.81 -0.15
CA PHE A 108 8.38 -2.50 0.85
C PHE A 108 7.57 -3.44 1.75
N LYS A 109 8.00 -4.71 1.87
CA LYS A 109 7.28 -5.64 2.76
C LYS A 109 7.80 -5.53 4.19
N LEU A 110 7.52 -4.42 4.87
CA LEU A 110 8.06 -4.11 6.22
C LEU A 110 7.00 -3.42 7.06
N THR A 111 7.04 -3.65 8.35
CA THR A 111 6.24 -2.88 9.29
C THR A 111 6.74 -1.45 9.40
N PRO A 112 5.82 -0.44 9.36
CA PRO A 112 6.38 0.90 9.29
C PRO A 112 6.53 1.63 10.62
N LEU A 113 6.76 0.88 11.71
CA LEU A 113 6.93 1.49 13.05
C LEU A 113 8.41 1.69 13.44
N LYS A 114 8.65 2.76 14.19
CA LYS A 114 9.98 3.03 14.76
C LYS A 114 10.24 2.22 16.01
N GLU A 115 10.17 0.90 15.91
CA GLU A 115 10.80 0.07 16.87
C GLU A 115 11.74 -0.95 16.21
N SER A 116 12.21 -1.88 17.06
CA SER A 116 13.16 -2.93 16.68
C SER A 116 12.39 -4.08 16.02
N PHE A 117 13.01 -4.84 15.11
CA PHE A 117 12.30 -5.91 14.44
C PHE A 117 13.30 -6.79 13.68
N ASN A 118 12.88 -7.99 13.35
CA ASN A 118 13.73 -8.99 12.76
C ASN A 118 13.58 -8.94 11.30
N TYR A 119 14.63 -9.24 10.58
CA TYR A 119 14.58 -9.21 9.14
C TYR A 119 15.77 -10.02 8.57
N GLY A 120 15.52 -11.25 8.15
CA GLY A 120 16.62 -12.04 7.57
C GLY A 120 17.51 -12.71 8.61
N VAL A 121 18.42 -13.53 8.14
CA VAL A 121 19.40 -14.16 9.00
C VAL A 121 20.75 -13.91 8.38
N CYS A 122 21.74 -13.74 9.21
CA CYS A 122 23.08 -13.55 8.71
C CYS A 122 23.66 -14.89 8.37
N GLY A 123 24.14 -15.03 7.15
CA GLY A 123 24.69 -16.30 6.68
C GLY A 123 26.03 -16.69 7.30
N ASP A 124 26.78 -15.76 7.92
CA ASP A 124 28.01 -16.13 8.65
C ASP A 124 27.78 -16.55 10.13
N CYS A 125 26.85 -15.96 10.88
CA CYS A 125 26.72 -16.46 12.20
C CYS A 125 25.42 -17.32 12.39
N MET A 126 24.60 -17.40 11.33
CA MET A 126 23.20 -17.88 11.36
C MET A 126 22.28 -17.29 12.42
N GLN A 127 22.47 -16.06 12.87
CA GLN A 127 21.48 -15.50 13.78
C GLN A 127 20.50 -14.61 13.01
N VAL A 128 19.31 -14.32 13.55
CA VAL A 128 18.41 -13.38 12.85
C VAL A 128 18.95 -12.00 13.07
N ASN A 129 18.88 -11.13 12.04
CA ASN A 129 19.29 -9.73 12.16
C ASN A 129 18.24 -8.96 12.96
N THR A 130 18.66 -8.25 14.02
CA THR A 130 17.80 -7.36 14.80
C THR A 130 18.01 -6.00 14.15
N CYS A 131 16.92 -5.38 13.69
CA CYS A 131 17.02 -4.29 12.74
C CYS A 131 16.31 -3.08 13.24
N ARG A 132 16.69 -1.92 12.72
CA ARG A 132 15.96 -0.72 12.98
C ARG A 132 16.17 0.22 11.80
N PHE A 133 15.27 1.19 11.64
CA PHE A 133 15.31 2.12 10.51
C PHE A 133 16.35 3.17 10.76
N LEU A 134 17.19 3.47 9.76
CA LEU A 134 18.08 4.63 9.82
C LEU A 134 17.60 5.75 8.92
N SER A 135 17.01 5.45 7.76
CA SER A 135 16.49 6.53 6.91
C SER A 135 15.46 6.04 5.91
N VAL A 136 14.58 6.93 5.45
CA VAL A 136 13.60 6.67 4.40
C VAL A 136 13.51 7.89 3.52
N GLU A 137 13.78 7.76 2.22
CA GLU A 137 13.63 8.91 1.31
C GLU A 137 12.88 8.56 0.07
N GLY A 138 12.09 9.54 -0.42
CA GLY A 138 11.32 9.48 -1.65
C GLY A 138 9.90 9.02 -1.35
N SER A 139 9.31 8.32 -2.30
CA SER A 139 7.92 7.95 -2.25
C SER A 139 7.77 6.47 -2.49
N GLY A 140 6.73 5.91 -1.89
CA GLY A 140 6.51 4.48 -1.97
C GLY A 140 5.47 4.04 -1.00
N VAL A 141 5.35 2.74 -0.76
CA VAL A 141 4.29 2.30 0.13
C VAL A 141 4.75 1.07 0.89
N PHE A 142 4.53 1.01 2.22
CA PHE A 142 4.84 -0.21 3.01
C PHE A 142 3.60 -1.09 2.90
N VAL A 143 3.76 -2.38 2.62
CA VAL A 143 2.62 -3.30 2.74
C VAL A 143 3.01 -4.19 3.92
N HIS A 144 2.09 -4.59 4.79
CA HIS A 144 2.48 -5.04 6.14
C HIS A 144 1.37 -5.83 6.81
N ASP A 145 1.73 -6.66 7.78
CA ASP A 145 0.78 -7.26 8.72
C ASP A 145 -0.20 -6.21 9.25
N ILE A 146 -1.46 -6.59 9.43
CA ILE A 146 -2.47 -5.60 9.84
C ILE A 146 -2.09 -4.97 11.21
N LEU A 147 -2.04 -3.65 11.25
CA LEU A 147 -1.98 -2.94 12.51
C LEU A 147 -3.43 -2.86 13.05
N SER A 148 -3.84 -3.74 13.92
CA SER A 148 -5.25 -3.68 14.29
C SER A 148 -5.63 -2.75 15.46
N LYS A 149 -4.69 -1.90 15.93
CA LYS A 149 -5.02 -0.98 17.02
C LYS A 149 -4.47 0.34 16.63
N GLN A 150 -4.98 1.43 17.20
CA GLN A 150 -4.47 2.75 16.79
C GLN A 150 -3.02 2.88 17.14
N THR A 151 -2.34 3.74 16.40
CA THR A 151 -0.93 3.83 16.45
C THR A 151 -0.67 5.31 16.62
N PRO A 152 0.06 5.67 17.68
CA PRO A 152 0.45 7.07 17.86
C PRO A 152 1.24 7.56 16.63
N GLU A 153 0.83 8.71 16.08
CA GLU A 153 1.52 9.34 14.98
C GLU A 153 3.04 9.32 15.12
N ALA A 154 3.59 9.36 16.33
CA ALA A 154 5.06 9.40 16.51
C ALA A 154 5.75 8.04 16.28
N MET A 155 4.99 6.96 16.41
CA MET A 155 5.46 5.64 16.08
C MET A 155 5.71 5.33 14.57
N PHE A 156 5.01 5.96 13.63
CA PHE A 156 5.27 5.67 12.23
C PHE A 156 6.62 6.25 11.80
N VAL A 157 7.42 5.47 11.04
CA VAL A 157 8.78 5.90 10.67
C VAL A 157 8.64 6.99 9.64
N VAL A 158 7.49 7.02 9.01
CA VAL A 158 7.23 8.00 7.96
C VAL A 158 5.84 8.67 8.29
N LYS A 159 5.60 9.87 7.82
CA LYS A 159 4.27 10.48 7.94
C LYS A 159 3.23 9.88 6.97
N PRO A 160 2.25 9.12 7.46
CA PRO A 160 1.42 8.45 6.45
C PRO A 160 0.54 9.40 5.65
N VAL A 161 0.51 9.27 4.32
CA VAL A 161 -0.45 9.96 3.48
C VAL A 161 -1.77 9.18 3.40
N MET A 162 -1.78 7.82 3.50
CA MET A 162 -3.04 7.07 3.50
C MET A 162 -2.77 5.62 3.84
N HIS A 163 -3.80 4.82 4.14
CA HIS A 163 -3.63 3.42 4.53
C HIS A 163 -4.71 2.61 3.88
N ALA A 164 -4.37 1.46 3.30
CA ALA A 164 -5.43 0.52 3.00
C ALA A 164 -5.98 0.07 4.36
N VAL A 165 -7.29 -0.18 4.44
CA VAL A 165 -7.91 -0.64 5.67
C VAL A 165 -8.64 -1.91 5.33
N TYR A 166 -8.58 -2.89 6.21
CA TYR A 166 -9.23 -4.16 5.94
C TYR A 166 -9.98 -4.60 7.18
N THR A 167 -11.28 -4.78 7.07
CA THR A 167 -12.07 -5.26 8.21
C THR A 167 -12.72 -6.59 7.88
N GLY A 168 -12.94 -7.44 8.89
CA GLY A 168 -13.57 -8.74 8.66
C GLY A 168 -12.61 -9.92 8.58
N THR A 169 -13.11 -11.06 8.09
CA THR A 169 -12.30 -12.28 8.05
C THR A 169 -11.35 -12.26 6.88
N THR A 170 -10.20 -12.93 7.01
CA THR A 170 -9.29 -13.06 5.87
C THR A 170 -10.10 -13.65 4.72
N GLN A 171 -11.14 -14.39 5.07
CA GLN A 171 -12.04 -14.98 4.08
C GLN A 171 -13.02 -13.94 3.56
N ASN A 172 -13.78 -13.42 4.52
CA ASN A 172 -15.01 -12.70 4.25
C ASN A 172 -14.96 -11.21 4.65
N GLY A 173 -13.89 -10.50 4.29
CA GLY A 173 -13.68 -9.12 4.74
C GLY A 173 -14.03 -8.06 3.70
N HIS A 174 -13.40 -6.90 3.78
CA HIS A 174 -13.81 -5.78 2.99
C HIS A 174 -12.73 -4.70 3.04
N TYR A 175 -12.36 -4.09 1.92
CA TYR A 175 -11.30 -3.05 1.92
C TYR A 175 -11.84 -1.60 1.88
N MET A 176 -11.10 -0.65 2.43
CA MET A 176 -11.50 0.75 2.36
C MET A 176 -10.16 1.46 2.42
N VAL A 177 -10.14 2.80 2.41
CA VAL A 177 -8.90 3.53 2.46
C VAL A 177 -9.07 4.71 3.43
N ASP A 178 -8.24 4.78 4.46
CA ASP A 178 -8.10 5.94 5.24
C ASP A 178 -7.25 6.99 4.57
N ASP A 179 -7.86 7.99 3.99
CA ASP A 179 -7.11 9.05 3.35
C ASP A 179 -6.75 10.14 4.37
N ILE A 180 -5.56 10.05 4.94
CA ILE A 180 -5.22 10.88 6.10
C ILE A 180 -5.04 12.31 5.66
N GLU A 181 -4.51 12.49 4.49
CA GLU A 181 -4.22 13.81 4.04
C GLU A 181 -5.49 14.63 3.74
N HIS A 182 -6.60 13.95 3.40
CA HIS A 182 -7.87 14.60 3.12
C HIS A 182 -8.76 14.64 4.41
N GLY A 183 -8.61 13.65 5.27
CA GLY A 183 -9.30 13.65 6.51
C GLY A 183 -10.48 12.72 6.57
N TYR A 184 -10.70 11.85 5.59
CA TYR A 184 -11.84 10.92 5.66
C TYR A 184 -11.47 9.53 5.14
N CYS A 185 -12.36 8.57 5.39
CA CYS A 185 -12.26 7.24 4.89
C CYS A 185 -13.11 7.05 3.60
N VAL A 186 -12.50 6.53 2.52
CA VAL A 186 -13.21 6.22 1.28
C VAL A 186 -13.67 4.79 1.31
N ASP A 187 -14.94 4.55 1.10
CA ASP A 187 -15.52 3.23 1.12
C ASP A 187 -16.47 3.09 -0.10
N GLY A 188 -15.94 2.54 -1.18
CA GLY A 188 -16.64 2.52 -2.46
C GLY A 188 -16.68 3.94 -2.99
N MET A 189 -17.86 4.38 -3.45
CA MET A 189 -18.01 5.79 -3.82
C MET A 189 -18.45 6.65 -2.62
N GLY A 190 -18.42 6.13 -1.40
CA GLY A 190 -18.95 6.88 -0.27
C GLY A 190 -17.92 7.34 0.75
N ILE A 191 -18.34 8.16 1.69
CA ILE A 191 -17.42 8.82 2.64
C ILE A 191 -17.78 8.42 4.09
N LYS A 192 -16.76 8.19 4.93
CA LYS A 192 -16.97 7.79 6.32
C LYS A 192 -15.88 8.41 7.13
N PRO A 193 -16.02 8.43 8.48
CA PRO A 193 -14.87 9.01 9.24
C PRO A 193 -13.72 8.00 9.19
N LEU A 194 -12.49 8.51 9.33
CA LEU A 194 -11.29 7.67 9.43
C LEU A 194 -11.52 6.49 10.39
N LYS A 195 -11.13 5.30 10.03
CA LYS A 195 -11.20 4.22 10.98
C LYS A 195 -10.03 4.32 11.98
N LYS A 196 -8.92 4.94 11.59
CA LYS A 196 -7.78 5.10 12.50
C LYS A 196 -7.06 3.80 12.97
N ARG A 197 -7.60 2.63 12.60
CA ARG A 197 -6.95 1.32 12.87
C ARG A 197 -7.15 0.31 11.69
N CYS A 198 -6.68 -0.93 11.84
CA CYS A 198 -6.92 -2.00 10.87
C CYS A 198 -6.15 -1.80 9.53
N TYR A 199 -4.95 -1.25 9.62
CA TYR A 199 -4.27 -0.74 8.49
C TYR A 199 -3.38 -1.82 7.84
N THR A 200 -3.54 -2.08 6.52
CA THR A 200 -2.67 -3.12 5.88
C THR A 200 -1.62 -2.49 4.99
N SER A 201 -1.58 -1.17 4.84
CA SER A 201 -0.50 -0.53 4.12
C SER A 201 -0.27 0.85 4.61
N THR A 202 0.84 1.48 4.23
CA THR A 202 1.15 2.78 4.69
C THR A 202 1.91 3.50 3.58
N LEU A 203 1.28 4.50 2.97
CA LEU A 203 1.80 5.18 1.78
C LEU A 203 2.42 6.47 2.19
N PHE A 204 3.57 6.78 1.62
CA PHE A 204 4.28 8.00 2.01
C PHE A 204 4.73 8.71 0.74
N ILE A 205 4.80 10.04 0.79
CA ILE A 205 5.14 10.89 -0.38
C ILE A 205 6.24 11.85 -0.03
N ASN A 206 7.30 11.88 -0.83
CA ASN A 206 8.45 12.73 -0.51
C ASN A 206 9.05 12.65 0.87
N ALA A 207 9.25 11.44 1.39
CA ALA A 207 9.86 11.28 2.69
C ALA A 207 11.29 11.78 2.73
N ASN A 208 11.72 12.26 3.87
CA ASN A 208 13.11 12.66 4.01
C ASN A 208 13.64 12.43 5.43
N VAL A 209 13.35 11.24 5.97
CA VAL A 209 13.61 10.87 7.35
C VAL A 209 15.06 10.47 7.69
N MET A 210 15.57 11.04 8.78
CA MET A 210 16.84 10.66 9.45
C MET A 210 16.54 10.17 10.87
N THR A 211 16.75 8.88 11.17
CA THR A 211 16.62 8.37 12.57
C THR A 211 17.63 7.26 12.91
#